data_6YF1
#
_entry.id   6YF1
#
_cell.length_a   101.041
_cell.length_b   36.680
_cell.length_c   28.777
_cell.angle_alpha   90.000
_cell.angle_beta   103.720
_cell.angle_gamma   90.000
#
_symmetry.space_group_name_H-M   'C 1 2 1'
#
loop_
_entity.id
_entity.type
_entity.pdbx_description
1 polymer 'Peptidyl-prolyl cis-trans isomerase FKBP1A'
2 non-polymer (1aR,3R,5S,6R,7S,9R,10R,17aS,20S,21R,22S,25R,25aR)-25-Ethyl-10,22-dihydroxy-20-{(1E)-1-[(1R,3R,4R)-4-hydroxy-3-methoxycyclohexyl]prop-1-en-2-yl}-5,7-dimethoxy-1a,3,9,21-tetramethyloctadecahydro-2H-6,10-epoxyoxireno[p]pyrido[2,1-c][1,4]oxazacyclotricosine-11,12,18,24(1aH,14H)-tetrone
3 water water
#
_entity_poly.entity_id   1
_entity_poly.type   'polypeptide(L)'
_entity_poly.pdbx_seq_one_letter_code
;GPGVQVETISPGDGRTFPKRGQTCVVHYTGMLEDGKKFDSSRDRNKPFKFMLGKQEVIRGWEEGVAQMSVGQRAKLTISP
DYAYGATGHPGIIPPHATLVFDVELLKLE
;
_entity_poly.pdbx_strand_id   A
#
loop_
_chem_comp.id
_chem_comp.type
_chem_comp.name
_chem_comp.formula
OP8 non-polymer (1aR,3R,5S,6R,7S,9R,10R,17aS,20S,21R,22S,25R,25aR)-25-Ethyl-10,22-dihydroxy-20-{(1E)-1-[(1R,3R,4R)-4-hydroxy-3-methoxycyclohexyl]prop-1-en-2-yl}-5,7-dimethoxy-1a,3,9,21-tetramethyloctadecahydro-2H-6,10-epoxyoxireno[p]pyrido[2,1-c][1,4]oxazacyclotricosine-11,12,18,24(1aH,14H)-tetrone 'C43 H69 N O13'
#
# COMPACT_ATOMS: atom_id res chain seq x y z
N GLY A 3 -11.58 1.50 -6.91
CA GLY A 3 -11.22 1.30 -5.50
C GLY A 3 -9.88 0.62 -5.34
N VAL A 4 -9.79 -0.22 -4.34
CA VAL A 4 -8.61 -1.00 -4.09
C VAL A 4 -8.96 -2.48 -4.02
N GLN A 5 -8.21 -3.27 -4.77
CA GLN A 5 -8.26 -4.70 -4.68
CA GLN A 5 -8.25 -4.72 -4.69
C GLN A 5 -7.09 -5.15 -3.82
N VAL A 6 -7.35 -6.07 -2.89
CA VAL A 6 -6.33 -6.60 -1.99
C VAL A 6 -6.21 -8.09 -2.27
N GLU A 7 -5.03 -8.53 -2.71
CA GLU A 7 -4.79 -9.93 -3.02
C GLU A 7 -3.60 -10.41 -2.21
N THR A 8 -3.79 -11.44 -1.40
CA THR A 8 -2.76 -11.89 -0.50
C THR A 8 -1.62 -12.56 -1.25
N ILE A 9 -0.40 -12.16 -0.90
CA ILE A 9 0.82 -12.76 -1.37
C ILE A 9 1.28 -13.82 -0.35
N SER A 10 1.23 -13.47 0.94
CA SER A 10 1.55 -14.39 2.04
CA SER A 10 1.41 -14.46 1.99
CA SER A 10 1.55 -14.39 2.05
C SER A 10 0.65 -13.99 3.22
N PRO A 11 0.07 -14.95 3.96
CA PRO A 11 -0.87 -14.58 5.02
C PRO A 11 -0.20 -13.92 6.22
N GLY A 12 -0.97 -13.08 6.90
CA GLY A 12 -0.61 -12.55 8.21
C GLY A 12 -1.14 -13.44 9.30
N ASP A 13 -1.33 -12.88 10.49
CA ASP A 13 -1.86 -13.68 11.59
C ASP A 13 -3.36 -13.86 11.52
N GLY A 14 -4.04 -13.13 10.62
CA GLY A 14 -5.50 -13.22 10.44
C GLY A 14 -6.34 -12.66 11.58
N ARG A 15 -5.68 -11.95 12.50
CA ARG A 15 -6.29 -11.55 13.78
C ARG A 15 -6.08 -10.08 14.12
N THR A 16 -4.88 -9.59 13.84
CA THR A 16 -4.46 -8.28 14.32
C THR A 16 -4.38 -7.31 13.16
N PHE A 17 -5.37 -6.43 13.09
CA PHE A 17 -5.53 -5.48 11.99
C PHE A 17 -5.30 -4.08 12.48
N PRO A 18 -4.81 -3.19 11.60
CA PRO A 18 -4.59 -1.81 12.02
C PRO A 18 -5.83 -1.13 12.53
N LYS A 19 -5.63 -0.34 13.58
CA LYS A 19 -6.69 0.48 14.15
C LYS A 19 -6.30 1.93 14.05
N ARG A 20 -7.28 2.80 13.95
CA ARG A 20 -7.03 4.22 13.89
C ARG A 20 -6.15 4.68 15.05
N GLY A 21 -5.12 5.45 14.71
CA GLY A 21 -4.19 5.96 15.70
C GLY A 21 -2.93 5.12 15.84
N GLN A 22 -2.96 3.88 15.35
CA GLN A 22 -1.75 3.04 15.33
C GLN A 22 -0.86 3.45 14.19
N THR A 23 0.43 3.29 14.40
CA THR A 23 1.44 3.47 13.35
C THR A 23 1.72 2.14 12.67
N CYS A 24 1.38 2.10 11.38
CA CYS A 24 1.64 0.94 10.56
C CYS A 24 3.07 1.03 10.06
N VAL A 25 3.82 -0.05 10.24
CA VAL A 25 5.20 -0.13 9.74
C VAL A 25 5.22 -1.14 8.63
N VAL A 26 5.59 -0.70 7.43
CA VAL A 26 5.49 -1.55 6.27
C VAL A 26 6.77 -1.53 5.42
N HIS A 27 6.92 -2.54 4.59
CA HIS A 27 7.79 -2.42 3.44
C HIS A 27 6.90 -2.47 2.21
N TYR A 28 7.22 -1.69 1.20
CA TYR A 28 6.42 -1.67 -0.01
C TYR A 28 7.29 -1.53 -1.25
N THR A 29 6.71 -1.96 -2.38
CA THR A 29 7.20 -1.64 -3.71
C THR A 29 6.02 -1.11 -4.49
N GLY A 30 6.19 0.06 -5.09
CA GLY A 30 5.19 0.71 -5.91
C GLY A 30 5.51 0.53 -7.38
N MET A 31 4.49 0.13 -8.14
CA MET A 31 4.59 -0.11 -9.56
C MET A 31 3.46 0.55 -10.31
N LEU A 32 3.75 0.93 -11.56
CA LEU A 32 2.68 1.31 -12.48
C LEU A 32 1.89 0.07 -12.84
N GLU A 33 0.81 0.28 -13.59
CA GLU A 33 -0.14 -0.79 -13.87
CA GLU A 33 -0.14 -0.81 -13.82
C GLU A 33 0.50 -2.03 -14.49
N ASP A 34 1.52 -1.78 -15.30
CA ASP A 34 2.22 -2.83 -16.00
C ASP A 34 3.36 -3.45 -15.20
N GLY A 35 3.48 -3.12 -13.92
CA GLY A 35 4.51 -3.70 -13.07
C GLY A 35 5.85 -2.96 -13.02
N LYS A 36 5.96 -1.83 -13.74
CA LYS A 36 7.21 -1.10 -13.71
C LYS A 36 7.40 -0.39 -12.38
N LYS A 37 8.47 -0.72 -11.68
CA LYS A 37 8.71 -0.17 -10.34
C LYS A 37 9.04 1.31 -10.41
N PHE A 38 8.43 2.11 -9.56
CA PHE A 38 8.81 3.50 -9.42
C PHE A 38 9.38 3.82 -8.04
N ASP A 39 9.19 2.96 -7.04
CA ASP A 39 9.68 3.24 -5.70
C ASP A 39 9.63 1.96 -4.89
N SER A 40 10.51 1.84 -3.92
CA SER A 40 10.45 0.77 -2.95
C SER A 40 11.15 1.20 -1.68
N SER A 41 10.51 0.97 -0.55
CA SER A 41 11.15 1.17 0.73
C SER A 41 12.26 0.16 0.95
N ARG A 42 12.18 -0.99 0.28
CA ARG A 42 13.21 -2.01 0.39
C ARG A 42 14.52 -1.55 -0.24
N ASP A 43 14.44 -0.73 -1.28
CA ASP A 43 15.64 -0.23 -1.97
C ASP A 43 16.44 0.69 -1.08
N ARG A 44 15.80 1.35 -0.13
CA ARG A 44 16.47 2.26 0.75
C ARG A 44 16.66 1.69 2.16
N ASN A 45 16.33 0.40 2.35
CA ASN A 45 16.50 -0.29 3.61
C ASN A 45 15.83 0.48 4.74
N LYS A 46 14.60 0.94 4.50
CA LYS A 46 13.94 1.82 5.44
C LYS A 46 12.44 1.56 5.44
N PRO A 47 11.93 0.79 6.42
CA PRO A 47 10.48 0.61 6.51
C PRO A 47 9.76 1.95 6.54
N PHE A 48 8.61 2.00 5.90
CA PHE A 48 7.79 3.18 5.86
C PHE A 48 6.75 3.12 6.97
N LYS A 49 6.59 4.24 7.69
CA LYS A 49 5.65 4.32 8.81
C LYS A 49 4.59 5.36 8.51
N PHE A 50 3.33 5.04 8.81
CA PHE A 50 2.26 6.03 8.73
C PHE A 50 1.22 5.69 9.75
N MET A 51 0.53 6.73 10.20
CA MET A 51 -0.48 6.56 11.23
CA MET A 51 -0.50 6.58 11.22
C MET A 51 -1.86 6.51 10.58
N LEU A 52 -2.57 5.44 10.89
CA LEU A 52 -3.88 5.27 10.32
C LEU A 52 -4.84 6.32 10.89
N GLY A 53 -5.64 6.93 10.02
CA GLY A 53 -6.62 7.95 10.43
C GLY A 53 -6.11 9.39 10.43
N LYS A 54 -4.88 9.59 9.95
CA LYS A 54 -4.25 10.91 9.96
C LYS A 54 -4.12 11.53 8.55
N GLN A 55 -4.81 10.96 7.55
CA GLN A 55 -4.75 11.48 6.17
C GLN A 55 -3.31 11.61 5.67
N GLU A 56 -2.51 10.59 5.93
CA GLU A 56 -1.11 10.61 5.55
C GLU A 56 -0.80 9.95 4.22
N VAL A 57 -1.74 9.18 3.70
CA VAL A 57 -1.50 8.35 2.52
C VAL A 57 -2.69 8.39 1.59
N ILE A 58 -2.44 7.98 0.35
CA ILE A 58 -3.50 7.87 -0.64
C ILE A 58 -4.60 6.93 -0.13
N ARG A 59 -5.82 7.16 -0.62
CA ARG A 59 -6.99 6.46 -0.13
C ARG A 59 -6.88 4.94 -0.24
N GLY A 60 -6.30 4.47 -1.34
CA GLY A 60 -6.16 3.03 -1.54
C GLY A 60 -5.30 2.37 -0.48
N TRP A 61 -4.29 3.09 0.02
CA TRP A 61 -3.51 2.59 1.15
C TRP A 61 -4.30 2.61 2.43
N GLU A 62 -4.99 3.72 2.71
CA GLU A 62 -5.75 3.84 3.96
C GLU A 62 -6.74 2.68 4.06
N GLU A 63 -7.42 2.40 2.94
CA GLU A 63 -8.41 1.33 2.91
C GLU A 63 -7.81 -0.05 2.78
N GLY A 64 -6.75 -0.21 1.98
CA GLY A 64 -6.19 -1.54 1.76
C GLY A 64 -5.39 -2.07 2.93
N VAL A 65 -4.49 -1.24 3.46
CA VAL A 65 -3.65 -1.68 4.58
C VAL A 65 -4.50 -1.99 5.81
N ALA A 66 -5.61 -1.28 5.99
CA ALA A 66 -6.50 -1.55 7.10
C ALA A 66 -7.09 -2.96 7.06
N GLN A 67 -7.11 -3.59 5.90
CA GLN A 67 -7.65 -4.93 5.73
C GLN A 67 -6.59 -6.01 5.83
N MET A 68 -5.34 -5.62 6.09
CA MET A 68 -4.24 -6.55 6.26
C MET A 68 -4.01 -6.84 7.72
N SER A 69 -3.54 -8.05 8.03
CA SER A 69 -3.15 -8.38 9.38
C SER A 69 -1.64 -8.39 9.48
N VAL A 70 -1.17 -8.32 10.71
CA VAL A 70 0.27 -8.26 10.94
C VAL A 70 0.97 -9.47 10.36
N GLY A 71 2.03 -9.18 9.60
CA GLY A 71 2.82 -10.19 8.90
C GLY A 71 2.37 -10.46 7.49
N GLN A 72 1.21 -9.95 7.09
CA GLN A 72 0.72 -10.24 5.75
C GLN A 72 1.52 -9.49 4.70
N ARG A 73 1.69 -10.15 3.56
CA ARG A 73 2.11 -9.48 2.35
CA ARG A 73 2.14 -9.52 2.31
C ARG A 73 0.94 -9.51 1.37
N ALA A 74 0.66 -8.38 0.73
CA ALA A 74 -0.48 -8.29 -0.19
C ALA A 74 -0.14 -7.42 -1.36
N LYS A 75 -0.80 -7.68 -2.48
CA LYS A 75 -0.74 -6.87 -3.66
C LYS A 75 -2.00 -6.01 -3.69
N LEU A 76 -1.80 -4.70 -3.64
CA LEU A 76 -2.88 -3.73 -3.66
CA LEU A 76 -2.87 -3.72 -3.66
C LEU A 76 -2.93 -3.11 -5.05
N THR A 77 -4.03 -3.32 -5.76
CA THR A 77 -4.23 -2.71 -7.04
C THR A 77 -5.22 -1.57 -6.83
N ILE A 78 -4.77 -0.35 -7.11
CA ILE A 78 -5.45 0.86 -6.71
C ILE A 78 -5.83 1.68 -7.94
N SER A 79 -7.12 1.92 -8.12
CA SER A 79 -7.63 2.72 -9.22
CA SER A 79 -7.60 2.71 -9.24
C SER A 79 -7.21 4.18 -9.06
N PRO A 80 -7.17 4.96 -10.16
CA PRO A 80 -6.69 6.35 -10.02
C PRO A 80 -7.45 7.19 -9.00
N ASP A 81 -8.75 6.97 -8.90
CA ASP A 81 -9.57 7.70 -7.92
C ASP A 81 -9.11 7.48 -6.49
N TYR A 82 -8.43 6.37 -6.22
CA TYR A 82 -7.95 6.03 -4.88
C TYR A 82 -6.44 6.24 -4.79
N ALA A 83 -5.85 6.81 -5.83
CA ALA A 83 -4.43 7.08 -5.87
C ALA A 83 -4.24 8.56 -6.24
N TYR A 84 -3.64 8.87 -7.39
CA TYR A 84 -3.26 10.25 -7.77
C TYR A 84 -4.18 10.91 -8.78
N GLY A 85 -5.25 10.21 -9.14
CA GLY A 85 -6.34 10.81 -9.91
C GLY A 85 -5.89 11.37 -11.25
N ALA A 86 -6.50 12.47 -11.65
CA ALA A 86 -6.15 13.18 -12.89
C ALA A 86 -4.79 13.87 -12.82
N THR A 87 -4.38 14.27 -11.63
CA THR A 87 -3.14 15.03 -11.44
C THR A 87 -1.95 14.16 -11.75
N GLY A 88 -2.00 12.91 -11.27
CA GLY A 88 -0.81 12.11 -11.20
C GLY A 88 0.22 12.82 -10.36
N HIS A 89 1.47 12.49 -10.60
CA HIS A 89 2.55 13.17 -9.95
C HIS A 89 3.62 13.24 -11.01
N PRO A 90 3.69 14.38 -11.74
CA PRO A 90 4.57 14.54 -12.90
C PRO A 90 5.93 13.90 -12.72
N GLY A 91 6.33 13.08 -13.69
CA GLY A 91 7.64 12.46 -13.65
C GLY A 91 7.69 11.11 -12.94
N ILE A 92 6.63 10.76 -12.23
CA ILE A 92 6.59 9.48 -11.50
C ILE A 92 5.30 8.74 -11.80
N ILE A 93 4.18 9.39 -11.55
CA ILE A 93 2.86 8.78 -11.68
C ILE A 93 2.14 9.49 -12.81
N PRO A 94 1.76 8.78 -13.87
CA PRO A 94 1.00 9.41 -14.93
C PRO A 94 -0.37 9.84 -14.46
N PRO A 95 -0.95 10.85 -15.11
CA PRO A 95 -2.37 11.10 -14.93
C PRO A 95 -3.20 9.83 -15.17
N HIS A 96 -4.26 9.65 -14.40
CA HIS A 96 -5.20 8.55 -14.59
C HIS A 96 -4.55 7.17 -14.45
N ALA A 97 -3.57 7.03 -13.56
CA ALA A 97 -2.83 5.79 -13.42
C ALA A 97 -3.43 4.82 -12.38
N THR A 98 -3.61 3.56 -12.78
CA THR A 98 -3.83 2.48 -11.83
C THR A 98 -2.46 2.08 -11.29
N LEU A 99 -2.35 1.95 -9.98
CA LEU A 99 -1.09 1.58 -9.35
C LEU A 99 -1.18 0.21 -8.69
N VAL A 100 -0.03 -0.44 -8.60
CA VAL A 100 0.07 -1.70 -7.89
C VAL A 100 1.13 -1.56 -6.82
N PHE A 101 0.78 -1.84 -5.57
CA PHE A 101 1.75 -1.86 -4.50
C PHE A 101 1.82 -3.25 -3.90
N ASP A 102 3.04 -3.76 -3.74
CA ASP A 102 3.32 -4.93 -2.90
CA ASP A 102 3.24 -4.92 -2.87
C ASP A 102 3.59 -4.38 -1.51
N VAL A 103 2.79 -4.74 -0.52
CA VAL A 103 2.94 -4.20 0.82
C VAL A 103 3.08 -5.36 1.80
N GLU A 104 4.01 -5.24 2.75
CA GLU A 104 4.12 -6.16 3.85
C GLU A 104 3.91 -5.36 5.13
N LEU A 105 2.93 -5.78 5.92
CA LEU A 105 2.64 -5.14 7.18
C LEU A 105 3.52 -5.79 8.25
N LEU A 106 4.57 -5.07 8.65
CA LEU A 106 5.59 -5.63 9.53
C LEU A 106 5.18 -5.64 10.98
N LYS A 107 4.62 -4.52 11.45
CA LYS A 107 4.23 -4.38 12.83
C LYS A 107 3.35 -3.15 12.98
N LEU A 108 2.69 -3.11 14.12
CA LEU A 108 1.89 -1.96 14.54
C LEU A 108 2.54 -1.38 15.78
N GLU A 109 2.76 -0.07 15.77
CA GLU A 109 3.42 0.65 16.86
C GLU A 109 2.57 1.81 17.39
C1 OP8 B . 7.39 8.73 -2.44
C2 OP8 B . 6.72 10.07 -2.83
O3 OP8 B . 6.36 7.73 -2.39
C41 OP8 B . 3.36 10.69 1.12
C42 OP8 B . 3.22 12.20 1.55
C43 OP8 B . 0.66 11.77 -0.90
C44 OP8 B . 2.95 11.43 -1.91
C45 OP8 B . 3.54 9.70 2.30
C46 OP8 B . 0.11 12.75 -1.91
C47 OP8 B . -1.30 12.26 -2.32
C48 OP8 B . -2.02 13.26 -3.27
C49 OP8 B . -2.06 14.67 -2.65
C52 OP8 B . -3.61 12.00 -4.55
C53 OP8 B . 10.37 8.47 -1.61
C55 OP8 B . 0.00 14.16 -1.27
C11 OP8 B . 7.30 12.42 -2.88
C12 OP8 B . 4.91 6.26 -3.34
C14 OP8 B . 7.67 8.84 1.50
C15 OP8 B . 4.62 8.47 -5.71
C16 OP8 B . 3.57 6.49 -2.82
C18 OP8 B . 8.80 9.82 1.94
C19 OP8 B . 8.20 7.40 1.57
C22 OP8 B . 8.23 11.05 2.67
C23 OP8 B . 1.89 6.75 -1.10
C24 OP8 B . 4.34 6.41 -0.46
C25 OP8 B . 7.99 12.31 1.75
C26 OP8 B . 7.50 10.84 4.01
C27 OP8 B . 1.54 8.05 -0.42
C28 OP8 B . 1.49 5.56 -0.19
C29 OP8 B . 3.95 5.21 0.43
C30 OP8 B . 6.93 13.36 2.14
C4 OP8 B . 8.04 8.66 -1.05
C5 OP8 B . 6.09 9.92 -4.23
O6 OP8 B . 7.75 11.07 -2.78
C7 OP8 B . 5.82 7.42 -3.67
C8 OP8 B . 7.16 9.24 0.08
O9 OP8 B . 9.33 9.30 -1.09
C10 OP8 B . 5.13 8.70 -4.27
O13 OP8 B . 6.85 6.99 -4.57
O17 OP8 B . 5.26 5.10 -3.48
N20 OP8 B . 3.30 6.58 -1.48
O21 OP8 B . 2.70 6.61 -3.67
O31 OP8 B . 2.53 8.95 -0.28
O32 OP8 B . 0.40 8.23 -0.02
C33 OP8 B . 2.50 5.38 0.97
C34 OP8 B . 5.65 12.94 1.47
C35 OP8 B . 7.40 14.75 1.66
C36 OP8 B . 2.17 10.24 0.25
C37 OP8 B . 4.45 12.71 2.34
O38 OP8 B . 5.60 12.80 0.25
C39 OP8 B . 6.57 15.92 2.25
C40 OP8 B . 1.87 11.19 -0.87
O50 OP8 B . -3.38 12.80 -3.39
O51 OP8 B . -2.56 15.58 -3.64
C54 OP8 B . -0.63 15.15 -2.27
O56 OP8 B . 2.02 12.46 2.30
O57 OP8 B . 9.05 12.19 2.67
#